data_2J4N
#
_entry.id   2J4N
#
_cell.length_a   1.000
_cell.length_b   1.000
_cell.length_c   1.000
_cell.angle_alpha   90.00
_cell.angle_beta   90.00
_cell.angle_gamma   90.00
#
_symmetry.space_group_name_H-M   'P 1'
#
_entity_poly.entity_id   1
_entity_poly.type   'polypeptide(L)'
_entity_poly.pdbx_seq_one_letter_code
;AMACWAQSQGYNCCNNPSSTKVEYTDASGQWGVQNGQWCGIDYSYGQNQGNESCTGNGSYPCCNTCQATYTDGDGDWAFE
NGNWCGIKNSCKQQPQNNNQ
;
_entity_poly.pdbx_strand_id   A
#
# COMPACT_ATOMS: atom_id res chain seq x y z
N ALA A 1 4.26 8.56 5.20
CA ALA A 1 4.71 8.33 3.80
C ALA A 1 6.17 7.91 3.75
N MET A 2 6.56 7.02 4.67
CA MET A 2 7.93 6.53 4.72
C MET A 2 8.06 5.36 5.70
N ALA A 3 7.84 4.15 5.20
CA ALA A 3 7.95 2.95 6.02
C ALA A 3 8.18 1.71 5.16
N CYS A 4 8.85 1.90 4.02
CA CYS A 4 9.12 0.78 3.11
C CYS A 4 10.27 -0.07 3.64
N TRP A 5 10.16 -1.38 3.41
CA TRP A 5 11.19 -2.31 3.86
C TRP A 5 12.43 -2.24 2.96
N ALA A 6 12.28 -1.59 1.80
CA ALA A 6 13.39 -1.45 0.87
C ALA A 6 14.37 -0.39 1.33
N GLN A 7 13.88 0.59 2.08
CA GLN A 7 14.73 1.68 2.58
C GLN A 7 15.66 1.17 3.67
N SER A 8 15.27 0.08 4.33
CA SER A 8 16.09 -0.49 5.40
C SER A 8 17.50 -0.78 4.90
N GLN A 9 17.64 -0.98 3.60
CA GLN A 9 18.94 -1.26 3.00
C GLN A 9 19.54 0.01 2.38
N GLY A 10 18.68 0.92 1.94
CA GLY A 10 19.16 2.15 1.35
C GLY A 10 18.24 2.66 0.25
N TYR A 11 17.44 1.77 -0.32
CA TYR A 11 16.52 2.15 -1.39
C TYR A 11 15.45 3.09 -0.87
N ASN A 12 14.45 3.37 -1.71
CA ASN A 12 13.37 4.26 -1.33
C ASN A 12 12.01 3.60 -1.57
N CYS A 13 10.96 4.17 -1.00
CA CYS A 13 9.61 3.63 -1.16
C CYS A 13 9.06 3.97 -2.54
N CYS A 14 8.49 2.97 -3.21
CA CYS A 14 7.94 3.16 -4.55
C CYS A 14 6.48 3.61 -4.47
N ASN A 15 6.27 4.93 -4.48
CA ASN A 15 4.92 5.51 -4.44
C ASN A 15 3.94 4.68 -5.28
N ASN A 16 2.68 4.66 -4.86
CA ASN A 16 1.64 3.90 -5.56
C ASN A 16 2.14 2.50 -5.92
N PRO A 17 2.66 1.75 -4.93
CA PRO A 17 3.17 0.39 -5.15
C PRO A 17 2.05 -0.57 -5.55
N SER A 18 0.81 -0.16 -5.35
CA SER A 18 -0.35 -0.98 -5.70
C SER A 18 -0.50 -1.13 -7.21
N SER A 19 0.25 -0.35 -7.97
CA SER A 19 0.20 -0.40 -9.42
C SER A 19 1.59 -0.36 -10.04
N THR A 20 2.61 -0.43 -9.18
CA THR A 20 4.00 -0.41 -9.63
C THR A 20 4.36 -1.70 -10.35
N LYS A 21 5.22 -1.58 -11.36
CA LYS A 21 5.66 -2.74 -12.13
C LYS A 21 6.92 -3.34 -11.50
N VAL A 22 6.80 -4.56 -11.00
CA VAL A 22 7.91 -5.24 -10.38
C VAL A 22 8.67 -6.05 -11.42
N GLU A 23 9.72 -5.46 -11.96
CA GLU A 23 10.55 -6.13 -12.94
C GLU A 23 11.64 -6.91 -12.24
N TYR A 24 11.66 -6.83 -10.92
CA TYR A 24 12.66 -7.55 -10.13
C TYR A 24 12.06 -8.20 -8.90
N THR A 25 12.69 -9.29 -8.44
CA THR A 25 12.23 -10.00 -7.26
C THR A 25 13.34 -10.87 -6.69
N ASP A 26 13.77 -10.57 -5.47
CA ASP A 26 14.81 -11.32 -4.81
C ASP A 26 14.32 -11.88 -3.48
N ALA A 27 15.24 -12.24 -2.60
CA ALA A 27 14.89 -12.78 -1.29
C ALA A 27 14.51 -11.66 -0.31
N SER A 28 14.51 -10.42 -0.80
CA SER A 28 14.16 -9.28 0.03
C SER A 28 12.70 -8.89 -0.20
N GLY A 29 12.20 -9.23 -1.40
CA GLY A 29 10.83 -8.92 -1.73
C GLY A 29 10.65 -8.58 -3.19
N GLN A 30 10.04 -7.43 -3.46
CA GLN A 30 9.80 -6.99 -4.83
C GLN A 30 10.38 -5.59 -5.07
N TRP A 31 10.85 -5.34 -6.29
CA TRP A 31 11.42 -4.06 -6.64
C TRP A 31 10.91 -3.58 -8.01
N GLY A 32 10.85 -2.27 -8.19
CA GLY A 32 10.39 -1.72 -9.45
C GLY A 32 10.79 -0.26 -9.63
N VAL A 33 10.94 0.16 -10.87
CA VAL A 33 11.32 1.53 -11.16
C VAL A 33 10.11 2.41 -11.45
N GLN A 34 9.86 3.38 -10.58
CA GLN A 34 8.74 4.29 -10.76
C GLN A 34 9.23 5.73 -10.81
N ASN A 35 8.80 6.45 -11.83
CA ASN A 35 9.19 7.85 -11.98
C ASN A 35 10.71 7.98 -12.08
N GLY A 36 11.35 6.96 -12.65
CA GLY A 36 12.79 6.97 -12.80
C GLY A 36 13.53 6.88 -11.48
N GLN A 37 13.10 5.96 -10.62
CA GLN A 37 13.73 5.79 -9.32
C GLN A 37 13.46 4.38 -8.77
N TRP A 38 14.53 3.69 -8.38
CA TRP A 38 14.41 2.34 -7.84
C TRP A 38 13.67 2.37 -6.50
N CYS A 39 12.87 1.36 -6.25
CA CYS A 39 12.12 1.28 -5.00
C CYS A 39 11.36 -0.04 -4.89
N GLY A 40 11.18 -0.51 -3.66
CA GLY A 40 10.47 -1.76 -3.45
C GLY A 40 8.97 -1.58 -3.46
N ILE A 41 8.24 -2.65 -3.78
CA ILE A 41 6.78 -2.59 -3.84
C ILE A 41 6.19 -2.91 -2.48
N ASP A 42 5.85 -1.87 -1.73
CA ASP A 42 5.27 -2.02 -0.41
C ASP A 42 3.88 -1.39 -0.36
N TYR A 43 2.86 -2.17 -0.66
CA TYR A 43 1.49 -1.67 -0.66
C TYR A 43 1.20 -0.90 0.63
N SER A 44 1.89 -1.26 1.70
CA SER A 44 1.76 -0.60 2.98
C SER A 44 3.09 0.01 3.38
N TYR A 45 3.70 0.74 2.45
CA TYR A 45 5.00 1.35 2.69
C TYR A 45 4.92 2.46 3.75
N GLY A 46 3.72 2.82 4.17
CA GLY A 46 3.58 3.85 5.18
C GLY A 46 2.81 5.07 4.70
N GLN A 47 1.68 4.83 4.04
CA GLN A 47 0.87 5.92 3.54
C GLN A 47 -0.29 6.22 4.50
N ASN A 48 -0.58 7.50 4.67
CA ASN A 48 -1.65 7.94 5.57
C ASN A 48 -2.99 7.30 5.22
N GLN A 49 -3.99 7.61 6.03
CA GLN A 49 -5.34 7.09 5.85
C GLN A 49 -6.16 8.03 4.95
N GLY A 50 -5.49 8.62 3.96
CA GLY A 50 -6.17 9.54 3.06
C GLY A 50 -6.80 8.85 1.86
N ASN A 51 -6.93 7.53 1.92
CA ASN A 51 -7.53 6.77 0.83
C ASN A 51 -6.63 6.80 -0.41
N GLU A 52 -5.33 6.64 -0.20
CA GLU A 52 -4.37 6.64 -1.30
C GLU A 52 -4.42 5.33 -2.07
N SER A 53 -4.75 4.24 -1.39
CA SER A 53 -4.81 2.93 -2.02
C SER A 53 -5.65 1.96 -1.19
N CYS A 54 -5.62 0.68 -1.57
CA CYS A 54 -6.37 -0.35 -0.87
C CYS A 54 -5.53 -1.62 -0.70
N THR A 55 -5.99 -2.52 0.15
CA THR A 55 -5.30 -3.78 0.37
C THR A 55 -5.86 -4.85 -0.55
N GLY A 56 -5.17 -5.98 -0.65
CA GLY A 56 -5.64 -7.05 -1.50
C GLY A 56 -5.38 -6.79 -2.97
N ASN A 57 -4.51 -5.83 -3.26
CA ASN A 57 -4.18 -5.51 -4.65
C ASN A 57 -3.22 -6.55 -5.23
N GLY A 58 -2.96 -7.61 -4.48
CA GLY A 58 -2.07 -8.65 -4.96
C GLY A 58 -2.74 -9.57 -5.95
N SER A 59 -4.06 -9.71 -5.84
CA SER A 59 -4.82 -10.56 -6.74
C SER A 59 -6.30 -10.21 -6.75
N TYR A 60 -6.85 -9.93 -5.57
CA TYR A 60 -8.27 -9.59 -5.45
C TYR A 60 -8.49 -8.07 -5.44
N PRO A 61 -9.75 -7.63 -5.35
CA PRO A 61 -10.10 -6.21 -5.35
C PRO A 61 -10.11 -5.61 -3.93
N CYS A 62 -10.58 -4.37 -3.83
CA CYS A 62 -10.67 -3.70 -2.54
C CYS A 62 -12.04 -3.93 -1.91
N CYS A 63 -12.09 -4.00 -0.60
CA CYS A 63 -13.37 -4.21 0.10
C CYS A 63 -14.17 -2.93 0.18
N ASN A 64 -13.61 -1.94 0.87
CA ASN A 64 -14.21 -0.61 1.07
C ASN A 64 -14.71 -0.46 2.50
N THR A 65 -14.70 -1.56 3.25
CA THR A 65 -15.16 -1.54 4.63
C THR A 65 -13.96 -1.55 5.58
N CYS A 66 -14.09 -0.86 6.70
CA CYS A 66 -13.00 -0.80 7.68
C CYS A 66 -13.20 -1.88 8.74
N GLN A 67 -13.62 -3.06 8.31
CA GLN A 67 -13.83 -4.19 9.19
C GLN A 67 -12.97 -5.35 8.72
N ALA A 68 -11.76 -5.42 9.26
CA ALA A 68 -10.83 -6.47 8.91
C ALA A 68 -11.01 -7.70 9.76
N THR A 69 -11.88 -8.58 9.30
CA THR A 69 -12.18 -9.81 10.00
C THR A 69 -10.92 -10.68 10.10
N TYR A 70 -9.95 -10.46 9.22
CA TYR A 70 -8.72 -11.23 9.24
C TYR A 70 -7.56 -10.46 8.63
N THR A 71 -6.38 -10.60 9.23
CA THR A 71 -5.19 -9.93 8.74
C THR A 71 -4.14 -10.97 8.32
N ASP A 72 -3.46 -10.69 7.22
CA ASP A 72 -2.44 -11.60 6.71
C ASP A 72 -1.10 -10.89 6.59
N GLY A 73 -0.17 -11.53 5.88
CA GLY A 73 1.15 -10.96 5.71
C GLY A 73 1.17 -9.77 4.75
N ASP A 74 0.00 -9.39 4.24
CA ASP A 74 -0.08 -8.26 3.32
C ASP A 74 -0.95 -7.14 3.90
N GLY A 75 -1.38 -7.30 5.15
CA GLY A 75 -2.21 -6.30 5.78
C GLY A 75 -3.49 -6.89 6.33
N ASP A 76 -4.52 -6.07 6.41
CA ASP A 76 -5.82 -6.52 6.92
C ASP A 76 -6.68 -7.05 5.78
N TRP A 77 -7.74 -7.77 6.13
CA TRP A 77 -8.63 -8.34 5.12
C TRP A 77 -10.06 -8.44 5.65
N ALA A 78 -11.01 -8.39 4.73
CA ALA A 78 -12.43 -8.48 5.08
C ALA A 78 -13.23 -9.16 3.99
N PHE A 79 -14.40 -9.66 4.38
CA PHE A 79 -15.29 -10.33 3.43
C PHE A 79 -16.44 -9.39 3.07
N GLU A 80 -16.39 -8.85 1.85
CA GLU A 80 -17.42 -7.93 1.40
C GLU A 80 -17.89 -8.30 -0.01
N ASN A 81 -19.16 -8.04 -0.29
CA ASN A 81 -19.74 -8.34 -1.59
C ASN A 81 -19.56 -9.82 -1.92
N GLY A 82 -19.44 -10.65 -0.89
CA GLY A 82 -19.25 -12.07 -1.09
C GLY A 82 -17.93 -12.39 -1.76
N ASN A 83 -16.93 -11.54 -1.54
CA ASN A 83 -15.61 -11.75 -2.13
C ASN A 83 -14.50 -11.43 -1.14
N TRP A 84 -13.37 -12.09 -1.30
CA TRP A 84 -12.21 -11.86 -0.42
C TRP A 84 -11.42 -10.64 -0.89
N CYS A 85 -11.76 -9.49 -0.32
CA CYS A 85 -11.10 -8.24 -0.67
C CYS A 85 -10.27 -7.72 0.50
N GLY A 86 -9.32 -6.83 0.20
CA GLY A 86 -8.49 -6.27 1.24
C GLY A 86 -9.04 -4.97 1.80
N ILE A 87 -8.63 -4.62 3.01
CA ILE A 87 -9.09 -3.40 3.65
C ILE A 87 -8.37 -2.17 3.08
N LYS A 88 -9.13 -1.09 2.90
CA LYS A 88 -8.58 0.15 2.36
C LYS A 88 -7.59 0.77 3.34
N ASN A 89 -6.50 1.31 2.79
CA ASN A 89 -5.48 1.94 3.63
C ASN A 89 -6.09 3.07 4.45
N SER A 90 -7.22 3.60 4.00
CA SER A 90 -7.91 4.66 4.70
C SER A 90 -8.68 4.12 5.90
N CYS A 91 -8.90 2.80 5.89
CA CYS A 91 -9.62 2.14 6.98
C CYS A 91 -8.65 1.63 8.04
N LYS A 92 -7.64 2.45 8.34
CA LYS A 92 -6.64 2.08 9.34
C LYS A 92 -6.81 2.90 10.60
N GLN A 93 -6.50 4.18 10.52
CA GLN A 93 -6.62 5.08 11.65
C GLN A 93 -7.02 6.47 11.20
N GLN A 94 -7.39 7.32 12.16
CA GLN A 94 -7.79 8.69 11.86
C GLN A 94 -6.60 9.64 11.90
N PRO A 95 -5.79 9.60 12.98
CA PRO A 95 -4.62 10.46 13.14
C PRO A 95 -3.39 9.93 12.41
N GLN A 96 -3.58 9.44 11.19
CA GLN A 96 -2.47 8.92 10.41
C GLN A 96 -1.65 10.06 9.81
N ASN A 97 -0.47 10.28 10.36
CA ASN A 97 0.41 11.36 9.90
C ASN A 97 -0.19 12.72 10.23
N ASN A 98 0.61 13.58 10.85
CA ASN A 98 0.16 14.91 11.22
C ASN A 98 -0.52 15.62 10.05
N ASN A 99 -1.30 16.65 10.36
CA ASN A 99 -2.01 17.41 9.34
C ASN A 99 -1.04 17.95 8.29
N GLN A 100 -0.81 17.19 7.24
CA GLN A 100 0.10 17.59 6.16
C GLN A 100 1.38 18.21 6.72
N ALA A 1 3.86 8.40 8.48
CA ALA A 1 4.67 8.41 7.24
C ALA A 1 4.74 7.03 6.61
N MET A 2 5.54 6.89 5.57
CA MET A 2 5.70 5.63 4.86
C MET A 2 6.40 4.58 5.72
N ALA A 3 6.56 3.40 5.15
CA ALA A 3 7.19 2.28 5.87
C ALA A 3 8.03 1.41 4.92
N CYS A 4 8.65 2.06 3.94
CA CYS A 4 9.48 1.36 2.95
C CYS A 4 10.22 0.17 3.56
N TRP A 5 9.60 -1.01 3.52
CA TRP A 5 10.24 -2.20 4.06
C TRP A 5 11.63 -2.39 3.45
N ALA A 6 11.84 -1.76 2.30
CA ALA A 6 13.12 -1.85 1.60
C ALA A 6 14.15 -0.91 2.24
N GLN A 7 13.68 0.15 2.90
CA GLN A 7 14.60 1.09 3.54
C GLN A 7 15.42 0.41 4.63
N SER A 8 14.89 -0.70 5.16
CA SER A 8 15.59 -1.44 6.20
C SER A 8 17.00 -1.82 5.78
N GLN A 9 17.19 -1.97 4.46
CA GLN A 9 18.50 -2.33 3.93
C GLN A 9 19.19 -1.12 3.34
N GLY A 10 18.41 -0.20 2.78
CA GLY A 10 18.97 1.00 2.19
C GLY A 10 18.18 1.50 1.00
N TYR A 11 17.34 0.65 0.43
CA TYR A 11 16.53 1.04 -0.73
C TYR A 11 15.46 2.06 -0.33
N ASN A 12 14.63 2.44 -1.28
CA ASN A 12 13.57 3.41 -1.03
C ASN A 12 12.23 2.89 -1.55
N CYS A 13 11.19 3.04 -0.74
CA CYS A 13 9.86 2.57 -1.12
C CYS A 13 9.45 3.11 -2.48
N CYS A 14 8.54 2.39 -3.14
CA CYS A 14 8.06 2.79 -4.46
C CYS A 14 6.89 3.75 -4.34
N ASN A 15 7.17 5.05 -4.34
CA ASN A 15 6.13 6.07 -4.26
C ASN A 15 5.06 5.78 -5.32
N ASN A 16 3.91 5.30 -4.86
CA ASN A 16 2.79 4.93 -5.73
C ASN A 16 2.93 3.45 -6.13
N PRO A 17 2.94 2.55 -5.13
CA PRO A 17 3.08 1.10 -5.37
C PRO A 17 1.89 0.50 -6.10
N SER A 18 0.76 1.21 -6.07
CA SER A 18 -0.46 0.75 -6.73
C SER A 18 -0.36 0.88 -8.25
N SER A 19 0.74 1.46 -8.73
CA SER A 19 0.94 1.64 -10.17
C SER A 19 2.41 1.47 -10.55
N THR A 20 3.12 0.67 -9.77
CA THR A 20 4.53 0.44 -10.02
C THR A 20 4.75 -0.96 -10.61
N LYS A 21 5.29 -1.02 -11.82
CA LYS A 21 5.55 -2.29 -12.47
C LYS A 21 6.67 -3.03 -11.73
N VAL A 22 6.32 -4.14 -11.10
CA VAL A 22 7.28 -4.93 -10.37
C VAL A 22 7.90 -5.96 -11.30
N GLU A 23 9.07 -5.63 -11.82
CA GLU A 23 9.78 -6.54 -12.71
C GLU A 23 10.66 -7.48 -11.91
N TYR A 24 10.61 -7.32 -10.59
CA TYR A 24 11.42 -8.16 -9.71
C TYR A 24 10.63 -8.65 -8.49
N THR A 25 11.01 -9.80 -7.96
CA THR A 25 10.36 -10.35 -6.79
C THR A 25 11.19 -11.47 -6.16
N ASP A 26 11.82 -11.16 -5.04
CA ASP A 26 12.65 -12.13 -4.34
C ASP A 26 12.00 -12.52 -3.01
N ALA A 27 12.80 -13.06 -2.10
CA ALA A 27 12.29 -13.46 -0.80
C ALA A 27 12.23 -12.27 0.16
N SER A 28 12.47 -11.07 -0.37
CA SER A 28 12.41 -9.86 0.44
C SER A 28 11.12 -9.11 0.16
N GLY A 29 10.57 -9.33 -1.03
CA GLY A 29 9.32 -8.68 -1.41
C GLY A 29 9.28 -8.33 -2.89
N GLN A 30 8.79 -7.14 -3.19
CA GLN A 30 8.69 -6.68 -4.57
C GLN A 30 9.64 -5.52 -4.84
N TRP A 31 10.02 -5.35 -6.11
CA TRP A 31 10.93 -4.28 -6.50
C TRP A 31 10.61 -3.80 -7.92
N GLY A 32 10.91 -2.53 -8.17
CA GLY A 32 10.66 -1.95 -9.49
C GLY A 32 11.33 -0.61 -9.65
N VAL A 33 11.11 0.03 -10.79
CA VAL A 33 11.70 1.33 -11.06
C VAL A 33 10.63 2.41 -11.16
N GLN A 34 10.73 3.40 -10.28
CA GLN A 34 9.77 4.50 -10.26
C GLN A 34 10.44 5.81 -10.65
N ASN A 35 9.95 6.44 -11.70
CA ASN A 35 10.51 7.71 -12.15
C ASN A 35 11.99 7.56 -12.50
N GLY A 36 12.42 6.33 -12.77
CA GLY A 36 13.80 6.09 -13.14
C GLY A 36 14.69 5.83 -11.94
N GLN A 37 14.17 5.11 -10.95
CA GLN A 37 14.93 4.79 -9.76
C GLN A 37 14.40 3.52 -9.07
N TRP A 38 15.31 2.74 -8.51
CA TRP A 38 14.93 1.50 -7.82
C TRP A 38 14.07 1.81 -6.60
N CYS A 39 13.28 0.84 -6.18
CA CYS A 39 12.41 1.02 -5.02
C CYS A 39 11.68 -0.26 -4.67
N GLY A 40 11.13 -0.32 -3.47
CA GLY A 40 10.39 -1.49 -3.04
C GLY A 40 8.89 -1.24 -2.97
N ILE A 41 8.14 -1.94 -3.81
CA ILE A 41 6.70 -1.78 -3.85
C ILE A 41 6.06 -2.21 -2.52
N ASP A 42 5.50 -1.23 -1.82
CA ASP A 42 4.85 -1.48 -0.53
C ASP A 42 3.48 -0.82 -0.50
N TYR A 43 2.44 -1.61 -0.72
CA TYR A 43 1.07 -1.09 -0.71
C TYR A 43 0.55 -0.95 0.71
N SER A 44 1.37 -1.30 1.71
CA SER A 44 0.96 -1.20 3.10
C SER A 44 2.09 -0.72 3.98
N TYR A 45 2.74 0.35 3.57
CA TYR A 45 3.83 0.90 4.35
C TYR A 45 3.38 2.15 5.10
N GLY A 46 2.12 2.14 5.53
CA GLY A 46 1.56 3.26 6.26
C GLY A 46 1.56 4.54 5.46
N GLN A 47 0.45 4.82 4.80
CA GLN A 47 0.31 6.05 4.03
C GLN A 47 -0.83 6.90 4.57
N ASN A 48 -1.07 8.05 3.94
CA ASN A 48 -2.14 8.96 4.36
C ASN A 48 -3.50 8.42 3.93
N GLN A 49 -4.56 9.14 4.32
CA GLN A 49 -5.92 8.74 3.99
C GLN A 49 -6.34 9.31 2.62
N GLY A 50 -5.39 9.93 1.94
CA GLY A 50 -5.67 10.50 0.62
C GLY A 50 -6.24 9.48 -0.35
N ASN A 51 -6.06 8.19 -0.02
CA ASN A 51 -6.56 7.10 -0.86
C ASN A 51 -5.61 6.83 -2.01
N GLU A 52 -4.38 6.45 -1.67
CA GLU A 52 -3.37 6.14 -2.67
C GLU A 52 -3.54 4.72 -3.20
N SER A 53 -4.02 3.84 -2.33
CA SER A 53 -4.23 2.44 -2.70
C SER A 53 -5.22 1.76 -1.75
N CYS A 54 -5.50 0.50 -2.00
CA CYS A 54 -6.42 -0.27 -1.17
C CYS A 54 -5.69 -1.42 -0.49
N THR A 55 -6.32 -2.00 0.53
CA THR A 55 -5.74 -3.13 1.23
C THR A 55 -6.22 -4.40 0.56
N GLY A 56 -5.31 -5.34 0.35
CA GLY A 56 -5.67 -6.57 -0.31
C GLY A 56 -5.08 -6.65 -1.71
N ASN A 57 -4.23 -5.70 -2.05
CA ASN A 57 -3.61 -5.71 -3.37
C ASN A 57 -2.49 -6.74 -3.41
N GLY A 58 -2.34 -7.47 -2.31
CA GLY A 58 -1.34 -8.51 -2.23
C GLY A 58 -1.93 -9.81 -1.70
N SER A 59 -3.26 -9.90 -1.71
CA SER A 59 -3.95 -11.09 -1.22
C SER A 59 -5.39 -11.17 -1.74
N TYR A 60 -6.23 -10.22 -1.34
CA TYR A 60 -7.64 -10.22 -1.77
C TYR A 60 -8.07 -8.85 -2.30
N PRO A 61 -9.17 -8.81 -3.07
CA PRO A 61 -9.70 -7.56 -3.65
C PRO A 61 -9.97 -6.50 -2.59
N CYS A 62 -10.17 -5.26 -3.04
CA CYS A 62 -10.46 -4.15 -2.14
C CYS A 62 -11.90 -4.23 -1.66
N CYS A 63 -12.19 -3.61 -0.52
CA CYS A 63 -13.53 -3.64 0.03
C CYS A 63 -14.31 -2.40 -0.39
N ASN A 64 -13.95 -1.27 0.22
CA ASN A 64 -14.58 0.05 -0.03
C ASN A 64 -15.17 0.60 1.26
N THR A 65 -15.44 -0.29 2.21
CA THR A 65 -16.00 0.11 3.49
C THR A 65 -14.90 0.53 4.45
N CYS A 66 -15.19 1.53 5.27
CA CYS A 66 -14.22 2.01 6.25
C CYS A 66 -14.49 1.36 7.61
N GLN A 67 -14.92 0.10 7.56
CA GLN A 67 -15.22 -0.66 8.76
C GLN A 67 -14.35 -1.90 8.80
N ALA A 68 -13.20 -1.77 9.46
CA ALA A 68 -12.26 -2.88 9.58
C ALA A 68 -12.64 -3.80 10.72
N THR A 69 -13.08 -4.98 10.38
CA THR A 69 -13.48 -5.97 11.38
C THR A 69 -12.27 -6.79 11.84
N TYR A 70 -11.24 -6.85 11.00
CA TYR A 70 -10.04 -7.60 11.35
C TYR A 70 -8.82 -7.00 10.66
N THR A 71 -7.71 -6.93 11.38
CA THR A 71 -6.48 -6.40 10.85
C THR A 71 -5.39 -7.46 10.87
N ASP A 72 -4.64 -7.55 9.78
CA ASP A 72 -3.57 -8.52 9.67
C ASP A 72 -2.22 -7.83 9.58
N GLY A 73 -1.19 -8.59 9.21
CA GLY A 73 0.14 -8.03 9.09
C GLY A 73 0.33 -7.18 7.85
N ASP A 74 -0.77 -6.88 7.14
CA ASP A 74 -0.68 -6.07 5.94
C ASP A 74 -1.70 -4.93 5.95
N GLY A 75 -2.31 -4.69 7.11
CA GLY A 75 -3.31 -3.65 7.22
C GLY A 75 -4.62 -4.15 7.75
N ASP A 76 -5.63 -3.29 7.75
CA ASP A 76 -6.95 -3.66 8.24
C ASP A 76 -7.70 -4.47 7.18
N TRP A 77 -8.84 -5.04 7.57
CA TRP A 77 -9.63 -5.84 6.65
C TRP A 77 -11.10 -5.88 7.07
N ALA A 78 -11.97 -6.02 6.07
CA ALA A 78 -13.40 -6.06 6.32
C ALA A 78 -14.10 -6.99 5.32
N PHE A 79 -15.34 -7.33 5.62
CA PHE A 79 -16.12 -8.20 4.75
C PHE A 79 -17.13 -7.39 3.95
N GLU A 80 -16.87 -7.22 2.66
CA GLU A 80 -17.75 -6.46 1.78
C GLU A 80 -18.24 -7.32 0.63
N ASN A 81 -19.48 -7.09 0.21
CA ASN A 81 -20.08 -7.84 -0.89
C ASN A 81 -19.89 -9.34 -0.68
N GLY A 82 -19.76 -9.74 0.58
CA GLY A 82 -19.58 -11.14 0.90
C GLY A 82 -18.21 -11.66 0.51
N ASN A 83 -17.24 -10.75 0.40
CA ASN A 83 -15.87 -11.15 0.03
C ASN A 83 -14.84 -10.54 0.97
N TRP A 84 -13.88 -11.35 1.39
CA TRP A 84 -12.83 -10.90 2.30
C TRP A 84 -11.87 -9.94 1.58
N CYS A 85 -12.15 -8.65 1.73
CA CYS A 85 -11.33 -7.61 1.10
C CYS A 85 -10.62 -6.78 2.17
N GLY A 86 -9.81 -5.82 1.70
CA GLY A 86 -9.08 -4.97 2.62
C GLY A 86 -9.64 -3.56 2.67
N ILE A 87 -9.37 -2.85 3.76
CA ILE A 87 -9.85 -1.49 3.93
C ILE A 87 -8.98 -0.50 3.16
N LYS A 88 -9.63 0.43 2.47
CA LYS A 88 -8.93 1.45 1.69
C LYS A 88 -8.03 2.30 2.58
N ASN A 89 -6.89 2.70 2.03
CA ASN A 89 -5.93 3.53 2.76
C ASN A 89 -6.60 4.82 3.26
N SER A 90 -7.70 5.20 2.61
CA SER A 90 -8.43 6.40 2.98
C SER A 90 -9.34 6.17 4.18
N CYS A 91 -9.67 4.91 4.42
CA CYS A 91 -10.53 4.54 5.54
C CYS A 91 -9.72 4.27 6.80
N LYS A 92 -8.85 5.21 7.16
CA LYS A 92 -8.02 5.07 8.34
C LYS A 92 -8.46 6.04 9.43
N GLN A 93 -8.47 7.32 9.09
CA GLN A 93 -8.88 8.35 10.04
C GLN A 93 -9.45 9.57 9.30
N GLN A 94 -8.71 10.68 9.27
CA GLN A 94 -9.15 11.89 8.58
C GLN A 94 -7.97 12.83 8.32
N PRO A 95 -7.33 13.34 9.39
CA PRO A 95 -6.19 14.25 9.27
C PRO A 95 -4.97 13.60 8.60
N GLN A 96 -5.14 13.21 7.34
CA GLN A 96 -4.06 12.59 6.58
C GLN A 96 -4.29 12.74 5.09
N ASN A 97 -4.00 13.92 4.57
CA ASN A 97 -4.16 14.19 3.15
C ASN A 97 -5.61 14.01 2.72
N ASN A 98 -6.43 15.03 2.98
CA ASN A 98 -7.85 14.97 2.62
C ASN A 98 -8.16 15.93 1.47
N ASN A 99 -8.90 15.44 0.48
CA ASN A 99 -9.26 16.25 -0.68
C ASN A 99 -10.17 15.48 -1.62
N GLN A 100 -11.38 15.99 -1.83
CA GLN A 100 -12.34 15.34 -2.70
C GLN A 100 -13.10 16.38 -3.54
N ALA A 1 5.38 9.85 4.64
CA ALA A 1 5.67 9.23 3.33
C ALA A 1 7.04 8.55 3.34
N MET A 2 7.27 7.71 4.34
CA MET A 2 8.56 7.00 4.45
C MET A 2 8.52 5.92 5.54
N ALA A 3 8.09 4.72 5.17
CA ALA A 3 8.05 3.60 6.11
C ALA A 3 8.06 2.26 5.38
N CYS A 4 8.73 2.23 4.24
CA CYS A 4 8.83 1.02 3.42
C CYS A 4 9.77 0.01 4.06
N TRP A 5 9.61 -1.25 3.67
CA TRP A 5 10.46 -2.33 4.19
C TRP A 5 11.75 -2.43 3.38
N ALA A 6 11.70 -1.98 2.13
CA ALA A 6 12.86 -2.01 1.25
C ALA A 6 13.99 -1.14 1.79
N GLN A 7 13.62 -0.07 2.50
CA GLN A 7 14.59 0.85 3.06
C GLN A 7 15.38 0.19 4.19
N SER A 8 14.78 -0.82 4.82
CA SER A 8 15.43 -1.53 5.91
C SER A 8 16.80 -2.04 5.50
N GLN A 9 16.99 -2.24 4.19
CA GLN A 9 18.26 -2.72 3.67
C GLN A 9 19.09 -1.57 3.11
N GLY A 10 18.41 -0.53 2.62
CA GLY A 10 19.10 0.62 2.07
C GLY A 10 18.36 1.25 0.92
N TYR A 11 17.44 0.50 0.31
CA TYR A 11 16.67 1.01 -0.83
C TYR A 11 15.75 2.14 -0.39
N ASN A 12 14.90 2.60 -1.31
CA ASN A 12 13.97 3.68 -1.02
C ASN A 12 12.53 3.25 -1.34
N CYS A 13 11.57 3.95 -0.76
CA CYS A 13 10.16 3.63 -0.98
C CYS A 13 9.71 4.10 -2.36
N CYS A 14 8.83 3.34 -2.99
CA CYS A 14 8.32 3.67 -4.31
C CYS A 14 6.94 4.31 -4.21
N ASN A 15 6.69 5.31 -5.04
CA ASN A 15 5.41 6.00 -5.04
C ASN A 15 4.37 5.16 -5.78
N ASN A 16 3.09 5.48 -5.56
CA ASN A 16 1.98 4.75 -6.19
C ASN A 16 2.34 3.28 -6.43
N PRO A 17 2.81 2.58 -5.40
CA PRO A 17 3.17 1.15 -5.51
C PRO A 17 2.00 0.28 -5.93
N SER A 18 0.79 0.85 -5.86
CA SER A 18 -0.42 0.13 -6.22
C SER A 18 -0.49 -0.11 -7.73
N SER A 19 0.39 0.55 -8.48
CA SER A 19 0.42 0.40 -9.93
C SER A 19 1.85 0.33 -10.45
N THR A 20 2.80 0.19 -9.53
CA THR A 20 4.20 0.12 -9.88
C THR A 20 4.53 -1.25 -10.47
N LYS A 21 5.12 -1.25 -11.66
CA LYS A 21 5.50 -2.49 -12.33
C LYS A 21 6.71 -3.12 -11.62
N VAL A 22 6.48 -4.27 -11.00
CA VAL A 22 7.54 -4.97 -10.31
C VAL A 22 8.24 -5.93 -11.25
N GLU A 23 9.37 -5.48 -11.79
CA GLU A 23 10.15 -6.30 -12.70
C GLU A 23 11.06 -7.23 -11.89
N TYR A 24 11.03 -7.07 -10.57
CA TYR A 24 11.86 -7.89 -9.70
C TYR A 24 11.11 -8.38 -8.47
N THR A 25 11.24 -9.67 -8.18
CA THR A 25 10.59 -10.26 -7.02
C THR A 25 11.38 -11.47 -6.52
N ASP A 26 11.77 -11.44 -5.25
CA ASP A 26 12.52 -12.53 -4.67
C ASP A 26 12.06 -12.80 -3.23
N ALA A 27 12.94 -13.32 -2.39
CA ALA A 27 12.61 -13.62 -1.01
C ALA A 27 12.56 -12.35 -0.16
N SER A 28 12.83 -11.19 -0.77
CA SER A 28 12.80 -9.93 -0.06
C SER A 28 11.44 -9.27 -0.22
N GLY A 29 10.80 -9.52 -1.34
CA GLY A 29 9.49 -8.95 -1.61
C GLY A 29 9.31 -8.54 -3.05
N GLN A 30 8.89 -7.30 -3.26
CA GLN A 30 8.66 -6.77 -4.61
C GLN A 30 9.48 -5.52 -4.85
N TRP A 31 9.95 -5.34 -6.08
CA TRP A 31 10.75 -4.18 -6.44
C TRP A 31 10.42 -3.71 -7.86
N GLY A 32 10.50 -2.40 -8.07
CA GLY A 32 10.20 -1.85 -9.37
C GLY A 32 10.86 -0.50 -9.59
N VAL A 33 11.32 -0.27 -10.82
CA VAL A 33 11.97 0.99 -11.15
C VAL A 33 10.94 2.07 -11.46
N GLN A 34 10.72 2.96 -10.50
CA GLN A 34 9.77 4.05 -10.68
C GLN A 34 10.50 5.39 -10.70
N ASN A 35 10.14 6.23 -11.66
CA ASN A 35 10.76 7.55 -11.80
C ASN A 35 12.28 7.46 -11.79
N GLY A 36 12.81 6.33 -12.27
CA GLY A 36 14.24 6.14 -12.31
C GLY A 36 14.85 5.97 -10.94
N GLN A 37 14.22 5.15 -10.11
CA GLN A 37 14.71 4.90 -8.75
C GLN A 37 14.27 3.53 -8.25
N TRP A 38 15.24 2.72 -7.81
CA TRP A 38 14.95 1.38 -7.30
C TRP A 38 14.22 1.47 -5.95
N CYS A 39 12.93 1.16 -5.97
CA CYS A 39 12.14 1.20 -4.74
C CYS A 39 11.18 0.02 -4.67
N GLY A 40 11.05 -0.56 -3.47
CA GLY A 40 10.16 -1.68 -3.29
C GLY A 40 8.70 -1.30 -3.37
N ILE A 41 7.84 -2.28 -3.61
CA ILE A 41 6.41 -2.03 -3.74
C ILE A 41 5.71 -2.24 -2.39
N ASP A 42 5.39 -1.13 -1.73
CA ASP A 42 4.72 -1.18 -0.44
C ASP A 42 3.49 -0.27 -0.44
N TYR A 43 2.32 -0.86 -0.63
CA TYR A 43 1.08 -0.09 -0.64
C TYR A 43 0.91 0.67 0.66
N SER A 44 1.58 0.18 1.71
CA SER A 44 1.53 0.82 3.02
C SER A 44 2.91 1.34 3.40
N TYR A 45 3.53 2.08 2.48
CA TYR A 45 4.84 2.63 2.72
C TYR A 45 4.71 4.03 3.32
N GLY A 46 5.03 4.13 4.59
CA GLY A 46 4.97 5.38 5.33
C GLY A 46 3.98 6.42 4.82
N GLN A 47 2.92 5.98 4.16
CA GLN A 47 1.92 6.90 3.64
C GLN A 47 1.03 7.44 4.76
N ASN A 48 0.02 8.22 4.38
CA ASN A 48 -0.89 8.82 5.35
C ASN A 48 -1.96 7.83 5.81
N GLN A 49 -2.24 7.85 7.11
CA GLN A 49 -3.25 6.98 7.70
C GLN A 49 -4.62 7.69 7.69
N GLY A 50 -4.88 8.43 6.63
CA GLY A 50 -6.14 9.14 6.51
C GLY A 50 -7.27 8.28 5.96
N ASN A 51 -7.01 6.99 5.81
CA ASN A 51 -8.01 6.06 5.29
C ASN A 51 -8.36 6.37 3.83
N GLU A 52 -7.33 6.52 3.02
CA GLU A 52 -7.52 6.82 1.60
C GLU A 52 -7.59 5.53 0.77
N SER A 53 -7.04 4.44 1.32
CA SER A 53 -7.05 3.16 0.63
C SER A 53 -6.83 2.01 1.59
N CYS A 54 -7.37 0.85 1.26
CA CYS A 54 -7.23 -0.34 2.10
C CYS A 54 -6.45 -1.43 1.36
N THR A 55 -5.96 -2.41 2.11
CA THR A 55 -5.20 -3.50 1.51
C THR A 55 -6.13 -4.65 1.14
N GLY A 56 -5.81 -5.32 0.04
CA GLY A 56 -6.63 -6.43 -0.41
C GLY A 56 -7.59 -6.03 -1.51
N ASN A 57 -7.50 -4.78 -1.96
CA ASN A 57 -8.38 -4.31 -3.03
C ASN A 57 -7.90 -4.78 -4.40
N GLY A 58 -6.89 -5.65 -4.43
CA GLY A 58 -6.38 -6.15 -5.67
C GLY A 58 -7.19 -7.32 -6.20
N SER A 59 -7.89 -8.01 -5.31
CA SER A 59 -8.70 -9.16 -5.70
C SER A 59 -9.76 -9.48 -4.64
N TYR A 60 -9.34 -9.51 -3.38
CA TYR A 60 -10.26 -9.81 -2.28
C TYR A 60 -10.84 -8.51 -1.68
N PRO A 61 -11.64 -8.62 -0.61
CA PRO A 61 -12.23 -7.46 0.03
C PRO A 61 -11.35 -6.89 1.13
N CYS A 62 -11.57 -5.61 1.47
CA CYS A 62 -10.80 -4.97 2.52
C CYS A 62 -11.29 -5.44 3.89
N CYS A 63 -10.39 -5.48 4.86
CA CYS A 63 -10.72 -5.94 6.21
C CYS A 63 -11.37 -4.85 7.04
N ASN A 64 -10.54 -3.92 7.53
CA ASN A 64 -10.97 -2.80 8.38
C ASN A 64 -10.25 -2.86 9.72
N THR A 65 -9.91 -4.08 10.13
CA THR A 65 -9.22 -4.29 11.39
C THR A 65 -7.77 -3.86 11.31
N CYS A 66 -7.26 -3.30 12.40
CA CYS A 66 -5.88 -2.85 12.45
C CYS A 66 -5.01 -3.89 13.14
N GLN A 67 -5.33 -5.16 12.89
CA GLN A 67 -4.59 -6.27 13.46
C GLN A 67 -4.11 -7.18 12.35
N ALA A 68 -2.90 -6.93 11.88
CA ALA A 68 -2.31 -7.71 10.81
C ALA A 68 -1.66 -8.98 11.35
N THR A 69 -2.27 -10.11 11.01
CA THR A 69 -1.76 -11.40 11.45
C THR A 69 -0.75 -11.96 10.44
N TYR A 70 -0.85 -11.50 9.19
CA TYR A 70 0.06 -11.96 8.16
C TYR A 70 0.26 -10.90 7.10
N THR A 71 1.49 -10.75 6.63
CA THR A 71 1.82 -9.78 5.60
C THR A 71 2.42 -10.48 4.38
N ASP A 72 1.94 -10.11 3.21
CA ASP A 72 2.42 -10.70 1.97
C ASP A 72 3.09 -9.66 1.09
N GLY A 73 3.32 -10.02 -0.17
CA GLY A 73 3.97 -9.10 -1.09
C GLY A 73 3.07 -7.96 -1.53
N ASP A 74 1.90 -7.82 -0.92
CA ASP A 74 0.97 -6.76 -1.27
C ASP A 74 0.56 -5.95 -0.03
N GLY A 75 1.27 -6.16 1.08
CA GLY A 75 0.95 -5.46 2.31
C GLY A 75 0.55 -6.41 3.42
N ASP A 76 0.07 -5.85 4.52
CA ASP A 76 -0.35 -6.65 5.66
C ASP A 76 -1.70 -7.30 5.38
N TRP A 77 -2.11 -8.23 6.24
CA TRP A 77 -3.37 -8.92 6.08
C TRP A 77 -3.88 -9.46 7.41
N ALA A 78 -5.21 -9.54 7.52
CA ALA A 78 -5.84 -10.03 8.74
C ALA A 78 -7.11 -10.81 8.43
N PHE A 79 -7.44 -11.75 9.32
CA PHE A 79 -8.64 -12.56 9.15
C PHE A 79 -9.83 -11.90 9.83
N GLU A 80 -10.73 -11.34 9.03
CA GLU A 80 -11.91 -10.66 9.55
C GLU A 80 -13.18 -11.17 8.90
N ASN A 81 -14.27 -11.16 9.66
CA ASN A 81 -15.57 -11.60 9.14
C ASN A 81 -15.42 -12.95 8.44
N GLY A 82 -14.45 -13.73 8.87
CA GLY A 82 -14.22 -15.04 8.27
C GLY A 82 -13.74 -14.95 6.83
N ASN A 83 -13.13 -13.83 6.47
CA ASN A 83 -12.64 -13.64 5.11
C ASN A 83 -11.23 -13.06 5.10
N TRP A 84 -10.38 -13.58 4.23
CA TRP A 84 -9.00 -13.11 4.12
C TRP A 84 -8.96 -11.75 3.46
N CYS A 85 -8.94 -10.70 4.27
CA CYS A 85 -8.90 -9.33 3.77
C CYS A 85 -7.55 -8.68 4.08
N GLY A 86 -7.37 -7.45 3.60
CA GLY A 86 -6.13 -6.74 3.84
C GLY A 86 -6.29 -5.59 4.82
N ILE A 87 -5.24 -5.30 5.57
CA ILE A 87 -5.28 -4.21 6.55
C ILE A 87 -5.36 -2.85 5.86
N LYS A 88 -6.18 -1.97 6.42
CA LYS A 88 -6.37 -0.64 5.86
C LYS A 88 -5.11 0.21 6.06
N ASN A 89 -4.84 1.08 5.09
CA ASN A 89 -3.68 1.96 5.18
C ASN A 89 -3.84 2.92 6.37
N SER A 90 -5.05 3.02 6.88
CA SER A 90 -5.34 3.87 8.02
C SER A 90 -5.11 3.13 9.34
N CYS A 91 -4.98 1.81 9.24
CA CYS A 91 -4.76 0.97 10.41
C CYS A 91 -3.27 0.78 10.68
N LYS A 92 -2.53 1.87 10.68
CA LYS A 92 -1.10 1.84 10.92
C LYS A 92 -0.74 2.69 12.14
N GLN A 93 -1.00 3.98 12.02
CA GLN A 93 -0.72 4.92 13.10
C GLN A 93 -1.53 6.20 12.92
N GLN A 94 -2.09 6.70 14.02
CA GLN A 94 -2.89 7.91 13.98
C GLN A 94 -2.05 9.10 13.50
N PRO A 95 -0.88 9.33 14.11
CA PRO A 95 0.00 10.45 13.74
C PRO A 95 0.53 10.34 12.31
N GLN A 96 0.47 9.14 11.72
CA GLN A 96 0.97 8.91 10.37
C GLN A 96 2.23 9.72 10.08
N ASN A 97 2.47 10.04 8.80
CA ASN A 97 3.63 10.82 8.41
C ASN A 97 3.66 12.17 9.16
N ASN A 98 2.75 13.06 8.79
CA ASN A 98 2.66 14.37 9.42
C ASN A 98 1.67 14.36 10.58
N ASN A 99 1.87 15.27 11.52
CA ASN A 99 0.98 15.36 12.68
C ASN A 99 -0.26 16.17 12.37
N GLN A 100 -1.38 15.49 12.21
CA GLN A 100 -2.65 16.14 11.89
C GLN A 100 -3.42 16.45 13.17
N ALA A 1 6.41 9.49 6.50
CA ALA A 1 6.59 8.95 5.12
C ALA A 1 7.87 8.11 5.03
N MET A 2 7.96 7.09 5.90
CA MET A 2 9.13 6.22 5.91
C MET A 2 8.92 5.01 6.82
N ALA A 3 8.36 3.94 6.26
CA ALA A 3 8.11 2.72 7.03
C ALA A 3 8.01 1.50 6.12
N CYS A 4 8.74 1.52 5.01
CA CYS A 4 8.72 0.42 4.06
C CYS A 4 9.80 -0.61 4.37
N TRP A 5 9.59 -1.82 3.88
CA TRP A 5 10.57 -2.89 4.07
C TRP A 5 11.82 -2.59 3.24
N ALA A 6 11.69 -1.63 2.33
CA ALA A 6 12.78 -1.23 1.46
C ALA A 6 13.90 -0.55 2.25
N GLN A 7 13.54 0.48 3.01
CA GLN A 7 14.52 1.20 3.81
C GLN A 7 15.26 0.25 4.75
N SER A 8 14.53 -0.73 5.28
CA SER A 8 15.12 -1.72 6.17
C SER A 8 16.22 -2.48 5.44
N GLN A 9 16.15 -2.48 4.10
CA GLN A 9 17.14 -3.15 3.29
C GLN A 9 18.27 -2.21 2.92
N GLY A 10 17.94 -0.92 2.76
CA GLY A 10 18.96 0.05 2.41
C GLY A 10 18.46 1.15 1.50
N TYR A 11 17.38 0.89 0.76
CA TYR A 11 16.86 1.90 -0.16
C TYR A 11 15.42 2.31 0.21
N ASN A 12 14.92 3.34 -0.48
CA ASN A 12 13.58 3.87 -0.21
C ASN A 12 12.47 3.05 -0.85
N CYS A 13 11.22 3.49 -0.63
CA CYS A 13 10.06 2.82 -1.19
C CYS A 13 9.68 3.44 -2.52
N CYS A 14 8.72 2.83 -3.22
CA CYS A 14 8.28 3.32 -4.51
C CYS A 14 6.97 4.10 -4.39
N ASN A 15 7.01 5.36 -4.81
CA ASN A 15 5.84 6.24 -4.75
C ASN A 15 4.69 5.63 -5.55
N ASN A 16 3.71 5.07 -4.85
CA ASN A 16 2.56 4.45 -5.47
C ASN A 16 2.89 3.02 -5.95
N PRO A 17 2.84 2.06 -5.03
CA PRO A 17 3.13 0.65 -5.33
C PRO A 17 2.05 0.02 -6.20
N SER A 18 0.86 0.59 -6.17
CA SER A 18 -0.26 0.09 -6.95
C SER A 18 0.01 0.17 -8.44
N SER A 19 1.06 0.90 -8.83
CA SER A 19 1.41 1.04 -10.23
C SER A 19 2.86 0.64 -10.47
N THR A 20 3.67 0.67 -9.42
CA THR A 20 5.07 0.32 -9.50
C THR A 20 5.30 -0.95 -10.34
N LYS A 21 5.82 -0.77 -11.54
CA LYS A 21 6.10 -1.90 -12.41
C LYS A 21 7.13 -2.81 -11.75
N VAL A 22 6.70 -3.98 -11.32
CA VAL A 22 7.56 -4.93 -10.67
C VAL A 22 8.22 -5.83 -11.69
N GLU A 23 9.43 -5.48 -12.06
CA GLU A 23 10.20 -6.27 -12.99
C GLU A 23 11.05 -7.26 -12.21
N TYR A 24 11.04 -7.08 -10.88
CA TYR A 24 11.81 -7.96 -10.00
C TYR A 24 11.02 -8.37 -8.76
N THR A 25 11.38 -9.53 -8.21
CA THR A 25 10.73 -10.04 -7.02
C THR A 25 11.54 -11.18 -6.41
N ASP A 26 11.57 -11.25 -5.09
CA ASP A 26 12.31 -12.29 -4.38
C ASP A 26 11.81 -12.45 -2.96
N ALA A 27 12.68 -12.89 -2.06
CA ALA A 27 12.31 -13.09 -0.66
C ALA A 27 12.37 -11.78 0.13
N SER A 28 12.73 -10.69 -0.56
CA SER A 28 12.83 -9.39 0.09
C SER A 28 11.64 -8.51 -0.29
N GLY A 29 10.71 -9.07 -1.06
CA GLY A 29 9.55 -8.33 -1.49
C GLY A 29 9.57 -8.06 -2.98
N GLN A 30 8.73 -7.13 -3.45
CA GLN A 30 8.69 -6.80 -4.86
C GLN A 30 9.52 -5.54 -5.15
N TRP A 31 10.15 -5.51 -6.32
CA TRP A 31 10.95 -4.36 -6.72
C TRP A 31 10.56 -3.90 -8.12
N GLY A 32 10.45 -2.59 -8.29
CA GLY A 32 10.08 -2.05 -9.59
C GLY A 32 10.81 -0.76 -9.91
N VAL A 33 10.71 -0.33 -11.16
CA VAL A 33 11.35 0.91 -11.59
C VAL A 33 10.34 2.01 -11.84
N GLN A 34 10.20 2.91 -10.88
CA GLN A 34 9.28 4.03 -11.02
C GLN A 34 10.04 5.35 -10.97
N ASN A 35 9.85 6.17 -12.00
CA ASN A 35 10.55 7.45 -12.08
C ASN A 35 12.05 7.24 -12.18
N GLY A 36 12.44 6.22 -12.93
CA GLY A 36 13.86 5.92 -13.09
C GLY A 36 14.51 5.59 -11.76
N GLN A 37 13.72 5.07 -10.83
CA GLN A 37 14.23 4.73 -9.51
C GLN A 37 13.84 3.30 -9.13
N TRP A 38 14.78 2.58 -8.54
CA TRP A 38 14.54 1.22 -8.11
C TRP A 38 13.99 1.24 -6.69
N CYS A 39 12.69 1.05 -6.55
CA CYS A 39 12.05 1.09 -5.24
C CYS A 39 11.12 -0.10 -5.03
N GLY A 40 11.12 -0.61 -3.80
CA GLY A 40 10.28 -1.74 -3.47
C GLY A 40 8.81 -1.38 -3.46
N ILE A 41 7.96 -2.38 -3.55
CA ILE A 41 6.51 -2.17 -3.55
C ILE A 41 5.95 -2.21 -2.13
N ASP A 42 5.74 -1.04 -1.55
CA ASP A 42 5.19 -0.93 -0.19
C ASP A 42 3.87 -0.16 -0.20
N TYR A 43 2.77 -0.88 -0.03
CA TYR A 43 1.44 -0.26 -0.02
C TYR A 43 1.08 0.28 1.36
N SER A 44 2.02 0.30 2.29
CA SER A 44 1.76 0.79 3.63
C SER A 44 3.04 1.16 4.36
N TYR A 45 3.90 1.93 3.69
CA TYR A 45 5.16 2.34 4.32
C TYR A 45 4.95 3.53 5.26
N GLY A 46 3.70 3.96 5.44
CA GLY A 46 3.42 5.05 6.34
C GLY A 46 3.32 6.39 5.62
N GLN A 47 2.37 6.49 4.70
CA GLN A 47 2.17 7.71 3.95
C GLN A 47 0.97 8.49 4.48
N ASN A 48 0.89 9.77 4.13
CA ASN A 48 -0.21 10.62 4.58
C ASN A 48 -1.55 10.05 4.15
N GLN A 49 -2.62 10.61 4.69
CA GLN A 49 -3.98 10.16 4.37
C GLN A 49 -4.54 10.95 3.18
N GLY A 50 -3.64 11.49 2.36
CA GLY A 50 -4.05 12.25 1.19
C GLY A 50 -4.72 11.40 0.12
N ASN A 51 -4.76 10.09 0.33
CA ASN A 51 -5.37 9.16 -0.62
C ASN A 51 -4.41 8.81 -1.76
N GLU A 52 -3.26 8.27 -1.39
CA GLU A 52 -2.25 7.87 -2.37
C GLU A 52 -2.45 6.44 -2.83
N SER A 53 -3.04 5.61 -1.97
CA SER A 53 -3.28 4.21 -2.30
C SER A 53 -4.42 3.63 -1.47
N CYS A 54 -4.91 2.47 -1.89
CA CYS A 54 -6.00 1.79 -1.19
C CYS A 54 -5.65 0.33 -0.95
N THR A 55 -6.40 -0.33 -0.07
CA THR A 55 -6.17 -1.73 0.25
C THR A 55 -6.97 -2.64 -0.67
N GLY A 56 -6.59 -3.90 -0.73
CA GLY A 56 -7.29 -4.84 -1.58
C GLY A 56 -6.91 -4.71 -3.02
N ASN A 57 -5.85 -3.96 -3.30
CA ASN A 57 -5.40 -3.77 -4.68
C ASN A 57 -4.60 -4.97 -5.18
N GLY A 58 -4.51 -6.02 -4.34
CA GLY A 58 -3.77 -7.20 -4.74
C GLY A 58 -4.66 -8.30 -5.29
N SER A 59 -5.98 -8.07 -5.30
CA SER A 59 -6.91 -9.06 -5.81
C SER A 59 -8.25 -8.42 -6.18
N TYR A 60 -8.97 -7.91 -5.18
CA TYR A 60 -10.28 -7.28 -5.40
C TYR A 60 -10.12 -5.79 -5.65
N PRO A 61 -11.24 -5.06 -5.82
CA PRO A 61 -11.22 -3.63 -6.07
C PRO A 61 -11.27 -2.80 -4.78
N CYS A 62 -11.11 -1.49 -4.94
CA CYS A 62 -11.13 -0.57 -3.80
C CYS A 62 -12.55 -0.42 -3.27
N CYS A 63 -12.68 0.07 -2.03
CA CYS A 63 -13.99 0.26 -1.43
C CYS A 63 -14.46 1.70 -1.57
N ASN A 64 -13.80 2.59 -0.83
CA ASN A 64 -14.10 4.03 -0.83
C ASN A 64 -14.72 4.44 0.51
N THR A 65 -15.12 3.45 1.29
CA THR A 65 -15.73 3.70 2.59
C THR A 65 -14.69 3.57 3.70
N CYS A 66 -14.86 4.35 4.77
CA CYS A 66 -13.95 4.30 5.89
C CYS A 66 -14.48 3.37 6.98
N GLN A 67 -15.28 2.40 6.57
CA GLN A 67 -15.86 1.44 7.50
C GLN A 67 -15.20 0.06 7.31
N ALA A 68 -14.16 -0.18 8.08
CA ALA A 68 -13.44 -1.44 8.00
C ALA A 68 -14.08 -2.49 8.89
N THR A 69 -14.95 -3.28 8.29
CA THR A 69 -15.66 -4.32 9.01
C THR A 69 -14.73 -5.48 9.38
N TYR A 70 -13.61 -5.61 8.66
CA TYR A 70 -12.67 -6.68 8.94
C TYR A 70 -11.26 -6.33 8.47
N THR A 71 -10.27 -6.69 9.28
CA THR A 71 -8.88 -6.43 8.95
C THR A 71 -8.09 -7.73 8.92
N ASP A 72 -7.26 -7.88 7.89
CA ASP A 72 -6.45 -9.08 7.74
C ASP A 72 -4.97 -8.74 7.71
N GLY A 73 -4.16 -9.70 7.30
CA GLY A 73 -2.72 -9.49 7.23
C GLY A 73 -2.30 -8.52 6.15
N ASP A 74 -3.27 -8.00 5.38
CA ASP A 74 -2.96 -7.05 4.32
C ASP A 74 -3.59 -5.69 4.59
N GLY A 75 -4.10 -5.50 5.81
CA GLY A 75 -4.71 -4.25 6.18
C GLY A 75 -6.19 -4.40 6.46
N ASP A 76 -6.87 -3.29 6.64
CA ASP A 76 -8.30 -3.32 6.92
C ASP A 76 -9.08 -3.68 5.66
N TRP A 77 -10.36 -3.97 5.82
CA TRP A 77 -11.21 -4.35 4.70
C TRP A 77 -12.67 -3.97 4.97
N ALA A 78 -13.45 -3.88 3.90
CA ALA A 78 -14.86 -3.52 4.03
C ALA A 78 -15.68 -4.08 2.88
N PHE A 79 -16.98 -4.26 3.14
CA PHE A 79 -17.90 -4.77 2.13
C PHE A 79 -18.72 -3.62 1.55
N GLU A 80 -18.43 -3.27 0.31
CA GLU A 80 -19.12 -2.16 -0.35
C GLU A 80 -19.44 -2.51 -1.80
N ASN A 81 -20.55 -1.96 -2.30
CA ASN A 81 -20.97 -2.21 -3.68
C ASN A 81 -21.14 -3.70 -3.93
N GLY A 82 -21.51 -4.43 -2.89
CA GLY A 82 -21.69 -5.86 -3.01
C GLY A 82 -20.42 -6.57 -3.44
N ASN A 83 -19.28 -6.06 -3.00
CA ASN A 83 -18.00 -6.66 -3.34
C ASN A 83 -17.01 -6.53 -2.19
N TRP A 84 -16.05 -7.46 -2.13
CA TRP A 84 -15.04 -7.45 -1.09
C TRP A 84 -13.87 -6.55 -1.47
N CYS A 85 -13.93 -5.30 -1.03
CA CYS A 85 -12.88 -4.33 -1.33
C CYS A 85 -12.04 -4.05 -0.09
N GLY A 86 -10.91 -3.39 -0.29
CA GLY A 86 -10.03 -3.07 0.83
C GLY A 86 -10.20 -1.64 1.29
N ILE A 87 -9.70 -1.33 2.47
CA ILE A 87 -9.82 0.01 3.02
C ILE A 87 -8.76 0.94 2.45
N LYS A 88 -9.12 2.21 2.35
CA LYS A 88 -8.25 3.24 1.82
C LYS A 88 -7.24 3.70 2.86
N ASN A 89 -6.02 3.96 2.41
CA ASN A 89 -4.96 4.42 3.31
C ASN A 89 -5.33 5.76 3.94
N SER A 90 -6.37 6.39 3.40
CA SER A 90 -6.84 7.68 3.90
C SER A 90 -7.87 7.49 5.00
N CYS A 91 -8.74 6.49 4.82
CA CYS A 91 -9.79 6.19 5.79
C CYS A 91 -9.19 5.55 7.04
N LYS A 92 -8.31 6.27 7.71
CA LYS A 92 -7.67 5.78 8.92
C LYS A 92 -7.52 6.91 9.93
N GLN A 93 -6.65 7.87 9.61
CA GLN A 93 -6.40 9.00 10.48
C GLN A 93 -5.95 10.21 9.66
N GLN A 94 -6.65 11.33 9.82
CA GLN A 94 -6.31 12.54 9.09
C GLN A 94 -4.88 12.99 9.42
N PRO A 95 -4.56 13.17 10.71
CA PRO A 95 -3.23 13.60 11.15
C PRO A 95 -2.16 12.53 10.89
N GLN A 96 -1.99 12.15 9.63
CA GLN A 96 -0.99 11.14 9.28
C GLN A 96 0.38 11.78 9.14
N ASN A 97 1.43 10.96 9.31
CA ASN A 97 2.80 11.45 9.20
C ASN A 97 3.09 12.49 10.28
N ASN A 98 3.14 12.04 11.54
CA ASN A 98 3.41 12.94 12.66
C ASN A 98 4.86 12.83 13.10
N ASN A 99 5.31 13.82 13.88
CA ASN A 99 6.68 13.83 14.37
C ASN A 99 6.86 12.83 15.50
N GLN A 100 7.14 11.58 15.13
CA GLN A 100 7.34 10.51 16.10
C GLN A 100 6.11 10.33 16.98
N ALA A 1 3.82 8.92 4.84
CA ALA A 1 3.93 8.62 3.38
C ALA A 1 5.29 8.04 3.04
N MET A 2 5.85 7.27 3.95
CA MET A 2 7.15 6.64 3.73
C MET A 2 7.47 5.63 4.82
N ALA A 3 7.33 4.35 4.48
CA ALA A 3 7.60 3.26 5.41
C ALA A 3 7.89 1.97 4.65
N CYS A 4 8.49 2.12 3.48
CA CYS A 4 8.82 0.98 2.63
C CYS A 4 9.72 0.00 3.35
N TRP A 5 9.58 -1.28 3.02
CA TRP A 5 10.38 -2.34 3.62
C TRP A 5 11.74 -2.44 2.93
N ALA A 6 11.83 -1.91 1.71
CA ALA A 6 13.07 -1.95 0.95
C ALA A 6 14.14 -1.08 1.59
N GLN A 7 13.72 0.04 2.18
CA GLN A 7 14.64 0.96 2.82
C GLN A 7 15.37 0.27 3.97
N SER A 8 14.71 -0.69 4.60
CA SER A 8 15.31 -1.43 5.71
C SER A 8 16.65 -2.05 5.30
N GLN A 9 16.81 -2.28 4.00
CA GLN A 9 18.03 -2.85 3.47
C GLN A 9 18.93 -1.77 2.88
N GLY A 10 18.32 -0.70 2.40
CA GLY A 10 19.10 0.39 1.82
C GLY A 10 18.39 1.07 0.66
N TYR A 11 17.49 0.34 0.00
CA TYR A 11 16.75 0.88 -1.14
C TYR A 11 15.85 2.03 -0.69
N ASN A 12 14.96 2.48 -1.57
CA ASN A 12 14.06 3.57 -1.26
C ASN A 12 12.61 3.17 -1.51
N CYS A 13 11.68 4.01 -1.03
CA CYS A 13 10.27 3.77 -1.20
C CYS A 13 9.77 4.15 -2.60
N CYS A 14 8.88 3.34 -3.15
CA CYS A 14 8.33 3.60 -4.46
C CYS A 14 6.95 4.24 -4.37
N ASN A 15 6.86 5.49 -4.79
CA ASN A 15 5.60 6.22 -4.76
C ASN A 15 4.54 5.52 -5.61
N ASN A 16 3.48 5.06 -4.96
CA ASN A 16 2.39 4.37 -5.65
C ASN A 16 2.81 2.94 -6.04
N PRO A 17 3.08 2.10 -5.02
CA PRO A 17 3.49 0.71 -5.24
C PRO A 17 2.35 -0.14 -5.79
N SER A 18 1.13 0.37 -5.70
CA SER A 18 -0.04 -0.34 -6.20
C SER A 18 -0.05 -0.41 -7.73
N SER A 19 0.82 0.39 -8.36
CA SER A 19 0.91 0.42 -9.80
C SER A 19 2.35 0.21 -10.27
N THR A 20 3.30 0.37 -9.35
CA THR A 20 4.70 0.21 -9.63
C THR A 20 4.97 -1.04 -10.47
N LYS A 21 5.76 -0.89 -11.53
CA LYS A 21 6.11 -2.01 -12.39
C LYS A 21 7.06 -2.95 -11.66
N VAL A 22 6.57 -4.14 -11.36
CA VAL A 22 7.37 -5.13 -10.65
C VAL A 22 8.13 -6.00 -11.63
N GLU A 23 9.38 -5.63 -11.86
CA GLU A 23 10.25 -6.38 -12.73
C GLU A 23 11.14 -7.26 -11.87
N TYR A 24 10.95 -7.17 -10.56
CA TYR A 24 11.74 -7.94 -9.61
C TYR A 24 10.86 -8.53 -8.51
N THR A 25 11.33 -9.63 -7.91
CA THR A 25 10.60 -10.27 -6.84
C THR A 25 11.49 -11.25 -6.07
N ASP A 26 12.00 -10.79 -4.93
CA ASP A 26 12.87 -11.61 -4.10
C ASP A 26 12.11 -12.09 -2.86
N ALA A 27 12.82 -12.42 -1.80
CA ALA A 27 12.18 -12.87 -0.56
C ALA A 27 11.84 -11.70 0.35
N SER A 28 11.90 -10.49 -0.20
CA SER A 28 11.56 -9.29 0.55
C SER A 28 10.40 -8.58 -0.13
N GLY A 29 9.72 -9.29 -1.03
CA GLY A 29 8.60 -8.73 -1.75
C GLY A 29 8.94 -8.49 -3.20
N GLN A 30 8.57 -7.33 -3.73
CA GLN A 30 8.86 -7.00 -5.11
C GLN A 30 9.60 -5.68 -5.23
N TRP A 31 10.23 -5.45 -6.37
CA TRP A 31 10.97 -4.23 -6.61
C TRP A 31 10.70 -3.70 -8.01
N GLY A 32 10.34 -2.43 -8.09
CA GLY A 32 10.03 -1.82 -9.37
C GLY A 32 10.68 -0.45 -9.52
N VAL A 33 11.07 -0.13 -10.75
CA VAL A 33 11.70 1.16 -11.03
C VAL A 33 10.64 2.21 -11.37
N GLN A 34 10.45 3.15 -10.47
CA GLN A 34 9.49 4.22 -10.68
C GLN A 34 10.13 5.59 -10.51
N ASN A 35 10.17 6.36 -11.58
CA ASN A 35 10.75 7.69 -11.57
C ASN A 35 12.29 7.64 -11.62
N GLY A 36 12.80 6.54 -12.17
CA GLY A 36 14.25 6.39 -12.28
C GLY A 36 14.90 6.14 -10.94
N GLN A 37 14.29 5.29 -10.13
CA GLN A 37 14.82 4.96 -8.81
C GLN A 37 14.32 3.60 -8.34
N TRP A 38 15.25 2.75 -7.91
CA TRP A 38 14.91 1.42 -7.43
C TRP A 38 14.23 1.50 -6.07
N CYS A 39 12.99 1.03 -6.00
CA CYS A 39 12.23 1.06 -4.76
C CYS A 39 11.35 -0.18 -4.62
N GLY A 40 11.09 -0.57 -3.39
CA GLY A 40 10.26 -1.74 -3.14
C GLY A 40 8.78 -1.41 -3.22
N ILE A 41 7.96 -2.44 -3.39
CA ILE A 41 6.51 -2.26 -3.48
C ILE A 41 5.84 -2.51 -2.13
N ASP A 42 5.29 -1.45 -1.56
CA ASP A 42 4.64 -1.54 -0.25
C ASP A 42 3.41 -0.63 -0.19
N TYR A 43 2.23 -1.21 -0.43
CA TYR A 43 0.98 -0.44 -0.40
C TYR A 43 0.79 0.21 0.97
N SER A 44 1.25 -0.47 2.02
CA SER A 44 1.13 0.04 3.38
C SER A 44 2.48 0.53 3.89
N TYR A 45 3.15 1.34 3.10
CA TYR A 45 4.46 1.87 3.49
C TYR A 45 4.32 3.18 4.28
N GLY A 46 3.26 3.31 5.07
CA GLY A 46 3.07 4.51 5.85
C GLY A 46 1.86 5.31 5.44
N GLN A 47 1.36 5.08 4.23
CA GLN A 47 0.19 5.79 3.73
C GLN A 47 -0.93 5.79 4.76
N ASN A 48 -1.19 6.94 5.36
CA ASN A 48 -2.22 7.08 6.37
C ASN A 48 -3.61 6.92 5.76
N GLN A 49 -4.63 6.97 6.61
CA GLN A 49 -6.02 6.85 6.16
C GLN A 49 -6.41 8.05 5.27
N GLY A 50 -5.54 9.07 5.24
CA GLY A 50 -5.78 10.27 4.44
C GLY A 50 -6.51 10.02 3.13
N ASN A 51 -6.33 8.81 2.58
CA ASN A 51 -6.97 8.41 1.32
C ASN A 51 -6.15 8.84 0.11
N GLU A 52 -4.93 9.33 0.35
CA GLU A 52 -4.05 9.74 -0.74
C GLU A 52 -3.79 8.58 -1.69
N SER A 53 -3.91 7.36 -1.16
CA SER A 53 -3.70 6.15 -1.95
C SER A 53 -4.84 5.16 -1.71
N CYS A 54 -5.34 4.57 -2.79
CA CYS A 54 -6.43 3.62 -2.71
C CYS A 54 -6.03 2.27 -3.30
N THR A 55 -6.84 1.25 -3.06
CA THR A 55 -6.58 -0.08 -3.58
C THR A 55 -7.23 -0.25 -4.94
N GLY A 56 -6.67 -1.13 -5.76
CA GLY A 56 -7.21 -1.36 -7.08
C GLY A 56 -6.70 -0.37 -8.10
N ASN A 57 -5.73 0.44 -7.71
CA ASN A 57 -5.16 1.43 -8.62
C ASN A 57 -4.14 0.78 -9.55
N GLY A 58 -4.02 -0.55 -9.47
CA GLY A 58 -3.08 -1.25 -10.33
C GLY A 58 -3.68 -1.63 -11.67
N SER A 59 -5.00 -1.52 -11.79
CA SER A 59 -5.68 -1.86 -13.03
C SER A 59 -7.05 -1.19 -13.14
N TYR A 60 -7.89 -1.40 -12.12
CA TYR A 60 -9.24 -0.83 -12.11
C TYR A 60 -9.26 0.52 -11.37
N PRO A 61 -10.42 1.17 -11.29
CA PRO A 61 -10.57 2.45 -10.62
C PRO A 61 -10.85 2.29 -9.12
N CYS A 62 -10.79 3.40 -8.40
CA CYS A 62 -11.04 3.39 -6.96
C CYS A 62 -12.55 3.26 -6.68
N CYS A 63 -12.88 2.96 -5.44
CA CYS A 63 -14.28 2.81 -5.04
C CYS A 63 -14.76 4.04 -4.29
N ASN A 64 -14.33 4.15 -3.03
CA ASN A 64 -14.68 5.27 -2.13
C ASN A 64 -15.41 4.77 -0.88
N THR A 65 -15.44 3.47 -0.69
CA THR A 65 -16.12 2.89 0.46
C THR A 65 -15.20 1.94 1.24
N CYS A 66 -15.36 1.91 2.55
CA CYS A 66 -14.55 1.03 3.40
C CYS A 66 -15.20 -0.35 3.49
N GLN A 67 -16.26 -0.55 2.70
CA GLN A 67 -16.97 -1.82 2.68
C GLN A 67 -16.31 -2.76 1.67
N ALA A 68 -15.36 -3.55 2.15
CA ALA A 68 -14.65 -4.48 1.30
C ALA A 68 -15.31 -5.85 1.31
N THR A 69 -16.24 -6.03 0.37
CA THR A 69 -16.97 -7.28 0.25
C THR A 69 -16.03 -8.45 0.00
N TYR A 70 -14.84 -8.16 -0.55
CA TYR A 70 -13.87 -9.21 -0.83
C TYR A 70 -12.44 -8.68 -0.78
N THR A 71 -11.54 -9.49 -0.26
CA THR A 71 -10.14 -9.12 -0.17
C THR A 71 -9.27 -10.12 -0.94
N ASP A 72 -8.32 -9.60 -1.69
CA ASP A 72 -7.42 -10.44 -2.47
C ASP A 72 -5.97 -10.25 -2.06
N GLY A 73 -5.06 -10.76 -2.88
CA GLY A 73 -3.65 -10.64 -2.58
C GLY A 73 -3.12 -9.23 -2.73
N ASP A 74 -3.99 -8.28 -3.07
CA ASP A 74 -3.59 -6.89 -3.23
C ASP A 74 -4.31 -5.98 -2.25
N GLY A 75 -5.03 -6.58 -1.30
CA GLY A 75 -5.76 -5.81 -0.31
C GLY A 75 -7.23 -6.11 -0.33
N ASP A 76 -8.04 -5.15 0.10
CA ASP A 76 -9.48 -5.33 0.14
C ASP A 76 -10.11 -4.86 -1.18
N TRP A 77 -11.39 -5.18 -1.37
CA TRP A 77 -12.09 -4.80 -2.59
C TRP A 77 -13.59 -4.69 -2.38
N ALA A 78 -14.24 -3.90 -3.23
CA ALA A 78 -15.68 -3.71 -3.14
C ALA A 78 -16.30 -3.40 -4.50
N PHE A 79 -17.58 -3.68 -4.62
CA PHE A 79 -18.31 -3.43 -5.87
C PHE A 79 -19.13 -2.15 -5.73
N GLU A 80 -18.67 -1.09 -6.39
CA GLU A 80 -19.34 0.19 -6.33
C GLU A 80 -19.65 0.72 -7.72
N ASN A 81 -20.81 1.35 -7.88
CA ASN A 81 -21.23 1.90 -9.16
C ASN A 81 -21.09 0.86 -10.27
N GLY A 82 -21.20 -0.41 -9.90
CA GLY A 82 -21.08 -1.48 -10.87
C GLY A 82 -19.68 -1.58 -11.44
N ASN A 83 -18.69 -1.10 -10.70
CA ASN A 83 -17.30 -1.14 -11.14
C ASN A 83 -16.40 -1.77 -10.08
N TRP A 84 -15.63 -2.77 -10.49
CA TRP A 84 -14.72 -3.44 -9.57
C TRP A 84 -13.60 -2.51 -9.12
N CYS A 85 -13.81 -1.85 -7.99
CA CYS A 85 -12.83 -0.93 -7.44
C CYS A 85 -12.16 -1.51 -6.20
N GLY A 86 -11.15 -0.82 -5.69
CA GLY A 86 -10.46 -1.28 -4.51
C GLY A 86 -10.64 -0.34 -3.34
N ILE A 87 -10.94 -0.90 -2.17
CA ILE A 87 -11.15 -0.09 -0.97
C ILE A 87 -10.01 0.90 -0.76
N LYS A 88 -10.37 2.16 -0.52
CA LYS A 88 -9.39 3.21 -0.31
C LYS A 88 -8.76 3.07 1.07
N ASN A 89 -7.56 3.64 1.22
CA ASN A 89 -6.86 3.58 2.50
C ASN A 89 -7.71 4.21 3.60
N SER A 90 -8.70 5.02 3.22
CA SER A 90 -9.58 5.65 4.19
C SER A 90 -10.44 4.60 4.91
N CYS A 91 -10.22 3.34 4.59
CA CYS A 91 -10.96 2.25 5.22
C CYS A 91 -10.23 1.76 6.47
N LYS A 92 -9.17 2.46 6.87
CA LYS A 92 -8.41 2.08 8.05
C LYS A 92 -7.82 3.30 8.75
N GLN A 93 -8.68 4.06 9.39
CA GLN A 93 -8.27 5.27 10.12
C GLN A 93 -7.65 4.90 11.48
N GLN A 94 -7.74 3.63 11.85
CA GLN A 94 -7.18 3.17 13.12
C GLN A 94 -5.68 3.44 13.17
N PRO A 95 -4.93 2.95 12.17
CA PRO A 95 -3.47 3.14 12.11
C PRO A 95 -3.08 4.62 12.14
N GLN A 96 -3.79 5.43 11.35
CA GLN A 96 -3.51 6.86 11.31
C GLN A 96 -4.81 7.67 11.32
N ASN A 97 -4.97 8.47 12.36
CA ASN A 97 -6.16 9.31 12.51
C ASN A 97 -5.84 10.64 13.19
N ASN A 98 -4.61 11.08 13.03
CA ASN A 98 -4.16 12.33 13.64
C ASN A 98 -3.67 13.32 12.58
N ASN A 99 -3.56 14.59 12.96
CA ASN A 99 -3.10 15.62 12.05
C ASN A 99 -1.80 16.25 12.54
N GLN A 100 -0.75 16.14 11.74
CA GLN A 100 0.55 16.70 12.09
C GLN A 100 1.07 16.07 13.37
N ALA A 1 6.26 9.55 5.28
CA ALA A 1 6.83 9.22 3.95
C ALA A 1 8.05 8.32 4.08
N MET A 2 8.01 7.42 5.06
CA MET A 2 9.13 6.50 5.27
C MET A 2 8.72 5.32 6.16
N ALA A 3 8.23 4.26 5.52
CA ALA A 3 7.82 3.06 6.23
C ALA A 3 7.83 1.85 5.30
N CYS A 4 8.74 1.87 4.34
CA CYS A 4 8.86 0.77 3.38
C CYS A 4 9.66 -0.38 3.98
N TRP A 5 9.54 -1.55 3.37
CA TRP A 5 10.26 -2.72 3.83
C TRP A 5 11.61 -2.83 3.11
N ALA A 6 11.77 -2.01 2.07
CA ALA A 6 13.01 -1.99 1.29
C ALA A 6 14.08 -1.17 1.99
N GLN A 7 13.66 -0.17 2.76
CA GLN A 7 14.59 0.69 3.48
C GLN A 7 15.41 -0.11 4.47
N SER A 8 14.93 -1.30 4.83
CA SER A 8 15.64 -2.16 5.78
C SER A 8 17.07 -2.38 5.32
N GLN A 9 17.30 -2.28 4.01
CA GLN A 9 18.63 -2.46 3.43
C GLN A 9 19.20 -1.12 2.97
N GLY A 10 18.34 -0.12 2.82
CA GLY A 10 18.78 1.19 2.39
C GLY A 10 18.04 1.69 1.16
N TYR A 11 16.90 1.07 0.86
CA TYR A 11 16.10 1.47 -0.30
C TYR A 11 14.82 2.18 0.13
N ASN A 12 14.54 3.32 -0.49
CA ASN A 12 13.34 4.07 -0.18
C ASN A 12 12.14 3.45 -0.89
N CYS A 13 10.94 3.84 -0.50
CA CYS A 13 9.74 3.29 -1.12
C CYS A 13 9.47 3.97 -2.46
N CYS A 14 8.81 3.23 -3.34
CA CYS A 14 8.49 3.74 -4.68
C CYS A 14 7.17 4.51 -4.66
N ASN A 15 7.22 5.75 -5.12
CA ASN A 15 6.04 6.61 -5.15
C ASN A 15 5.00 6.03 -6.11
N ASN A 16 3.90 5.54 -5.53
CA ASN A 16 2.80 4.93 -6.30
C ASN A 16 3.00 3.42 -6.42
N PRO A 17 3.12 2.72 -5.28
CA PRO A 17 3.31 1.26 -5.27
C PRO A 17 2.08 0.51 -5.75
N SER A 18 0.94 1.18 -5.73
CA SER A 18 -0.32 0.57 -6.16
C SER A 18 -0.38 0.43 -7.68
N SER A 19 0.61 0.96 -8.37
CA SER A 19 0.66 0.89 -9.83
C SER A 19 2.10 0.76 -10.32
N THR A 20 2.93 0.10 -9.51
CA THR A 20 4.32 -0.10 -9.84
C THR A 20 4.57 -1.50 -10.39
N LYS A 21 4.89 -1.59 -11.66
CA LYS A 21 5.17 -2.88 -12.29
C LYS A 21 6.42 -3.49 -11.66
N VAL A 22 6.22 -4.57 -10.90
CA VAL A 22 7.32 -5.23 -10.25
C VAL A 22 7.97 -6.23 -11.19
N GLU A 23 9.05 -5.78 -11.81
CA GLU A 23 9.79 -6.63 -12.73
C GLU A 23 10.73 -7.53 -11.96
N TYR A 24 10.80 -7.33 -10.65
CA TYR A 24 11.68 -8.14 -9.80
C TYR A 24 11.00 -8.58 -8.50
N THR A 25 11.20 -9.85 -8.14
CA THR A 25 10.63 -10.37 -6.90
C THR A 25 11.41 -11.58 -6.42
N ASP A 26 12.09 -11.42 -5.30
CA ASP A 26 12.88 -12.49 -4.72
C ASP A 26 12.41 -12.77 -3.28
N ALA A 27 13.30 -13.26 -2.44
CA ALA A 27 12.94 -13.56 -1.05
C ALA A 27 12.92 -12.30 -0.19
N SER A 28 13.20 -11.15 -0.82
CA SER A 28 13.19 -9.88 -0.11
C SER A 28 11.83 -9.20 -0.25
N GLY A 29 11.23 -9.37 -1.41
CA GLY A 29 9.93 -8.78 -1.67
C GLY A 29 9.75 -8.36 -3.12
N GLN A 30 8.97 -7.30 -3.33
CA GLN A 30 8.69 -6.80 -4.67
C GLN A 30 9.50 -5.53 -4.97
N TRP A 31 10.00 -5.42 -6.20
CA TRP A 31 10.78 -4.26 -6.60
C TRP A 31 10.33 -3.75 -7.98
N GLY A 32 10.40 -2.43 -8.16
CA GLY A 32 10.02 -1.83 -9.42
C GLY A 32 10.75 -0.52 -9.67
N VAL A 33 10.87 -0.14 -10.94
CA VAL A 33 11.56 1.09 -11.29
C VAL A 33 10.58 2.23 -11.54
N GLN A 34 10.47 3.14 -10.57
CA GLN A 34 9.59 4.29 -10.69
C GLN A 34 10.39 5.58 -10.64
N ASN A 35 10.22 6.41 -11.66
CA ASN A 35 10.93 7.68 -11.72
C ASN A 35 12.45 7.45 -11.72
N GLY A 36 12.86 6.34 -12.31
CA GLY A 36 14.27 6.02 -12.38
C GLY A 36 14.87 5.72 -11.01
N GLN A 37 14.19 4.89 -10.23
CA GLN A 37 14.67 4.54 -8.90
C GLN A 37 14.20 3.14 -8.51
N TRP A 38 15.15 2.28 -8.13
CA TRP A 38 14.84 0.93 -7.72
C TRP A 38 14.28 0.91 -6.30
N CYS A 39 12.96 1.01 -6.19
CA CYS A 39 12.31 1.03 -4.88
C CYS A 39 11.41 -0.19 -4.68
N GLY A 40 10.98 -0.39 -3.45
CA GLY A 40 10.12 -1.53 -3.13
C GLY A 40 8.65 -1.18 -3.30
N ILE A 41 7.80 -2.20 -3.41
CA ILE A 41 6.38 -1.98 -3.58
C ILE A 41 5.63 -2.17 -2.27
N ASP A 42 5.36 -1.06 -1.58
CA ASP A 42 4.64 -1.10 -0.31
C ASP A 42 3.37 -0.25 -0.40
N TYR A 43 2.25 -0.90 -0.68
CA TYR A 43 0.98 -0.20 -0.80
C TYR A 43 0.65 0.58 0.47
N SER A 44 1.28 0.21 1.57
CA SER A 44 1.04 0.88 2.85
C SER A 44 2.34 1.44 3.43
N TYR A 45 3.07 2.18 2.61
CA TYR A 45 4.30 2.78 3.07
C TYR A 45 3.98 4.16 3.63
N GLY A 46 4.27 4.32 4.92
CA GLY A 46 3.99 5.56 5.64
C GLY A 46 3.82 6.78 4.76
N GLN A 47 2.65 6.91 4.15
CA GLN A 47 2.35 8.04 3.29
C GLN A 47 1.31 8.94 3.93
N ASN A 48 1.05 10.09 3.31
CA ASN A 48 0.08 11.05 3.82
C ASN A 48 -1.34 10.73 3.35
N GLN A 49 -2.32 11.35 4.00
CA GLN A 49 -3.72 11.16 3.65
C GLN A 49 -4.18 12.16 2.62
N GLY A 50 -3.31 12.49 1.68
CA GLY A 50 -3.69 13.46 0.69
C GLY A 50 -4.25 12.81 -0.56
N ASN A 51 -3.78 11.59 -0.84
CA ASN A 51 -4.24 10.81 -2.00
C ASN A 51 -3.07 10.19 -2.77
N GLU A 52 -2.07 9.70 -2.04
CA GLU A 52 -0.90 9.07 -2.65
C GLU A 52 -1.28 7.71 -3.23
N SER A 53 -2.13 6.99 -2.49
CA SER A 53 -2.58 5.68 -2.90
C SER A 53 -3.87 5.31 -2.16
N CYS A 54 -4.64 4.39 -2.72
CA CYS A 54 -5.89 3.98 -2.08
C CYS A 54 -5.79 2.59 -1.47
N THR A 55 -6.70 2.29 -0.56
CA THR A 55 -6.72 1.01 0.11
C THR A 55 -7.39 -0.04 -0.77
N GLY A 56 -7.01 -1.30 -0.59
CA GLY A 56 -7.60 -2.35 -1.38
C GLY A 56 -6.88 -2.55 -2.70
N ASN A 57 -5.80 -1.79 -2.92
CA ASN A 57 -5.03 -1.90 -4.16
C ASN A 57 -4.09 -3.10 -4.11
N GLY A 58 -4.16 -3.87 -3.02
CA GLY A 58 -3.31 -5.04 -2.89
C GLY A 58 -3.90 -6.25 -3.56
N SER A 59 -5.18 -6.16 -3.94
CA SER A 59 -5.85 -7.28 -4.59
C SER A 59 -7.10 -6.82 -5.35
N TYR A 60 -7.86 -5.92 -4.74
CA TYR A 60 -9.09 -5.41 -5.36
C TYR A 60 -8.90 -3.99 -5.90
N PRO A 61 -9.96 -3.43 -6.51
CA PRO A 61 -9.92 -2.08 -7.08
C PRO A 61 -10.44 -1.03 -6.10
N CYS A 62 -9.90 0.18 -6.19
CA CYS A 62 -10.35 1.27 -5.33
C CYS A 62 -11.77 1.67 -5.72
N CYS A 63 -12.35 2.65 -5.04
CA CYS A 63 -13.72 3.06 -5.35
C CYS A 63 -13.78 4.51 -5.83
N ASN A 64 -13.43 5.43 -4.91
CA ASN A 64 -13.44 6.88 -5.17
C ASN A 64 -14.38 7.60 -4.20
N THR A 65 -14.56 7.02 -3.01
CA THR A 65 -15.43 7.59 -2.00
C THR A 65 -14.81 7.50 -0.62
N CYS A 66 -15.08 8.48 0.22
CA CYS A 66 -14.54 8.49 1.58
C CYS A 66 -15.56 7.92 2.56
N GLN A 67 -16.34 6.95 2.09
CA GLN A 67 -17.37 6.31 2.90
C GLN A 67 -17.02 4.83 3.07
N ALA A 68 -16.30 4.54 4.15
CA ALA A 68 -15.89 3.17 4.45
C ALA A 68 -16.94 2.45 5.27
N THR A 69 -17.84 1.80 4.57
CA THR A 69 -18.93 1.06 5.21
C THR A 69 -18.37 -0.04 6.12
N TYR A 70 -17.14 -0.49 5.84
CA TYR A 70 -16.52 -1.54 6.64
C TYR A 70 -15.01 -1.40 6.66
N THR A 71 -14.41 -1.65 7.82
CA THR A 71 -12.95 -1.57 7.97
C THR A 71 -12.40 -2.91 8.40
N ASP A 72 -11.26 -3.28 7.83
CA ASP A 72 -10.62 -4.55 8.16
C ASP A 72 -9.20 -4.33 8.66
N GLY A 73 -8.43 -5.41 8.72
CA GLY A 73 -7.06 -5.32 9.19
C GLY A 73 -6.13 -4.64 8.18
N ASP A 74 -6.68 -4.18 7.07
CA ASP A 74 -5.87 -3.51 6.05
C ASP A 74 -6.34 -2.07 5.83
N GLY A 75 -7.26 -1.61 6.67
CA GLY A 75 -7.76 -0.26 6.55
C GLY A 75 -9.27 -0.23 6.42
N ASP A 76 -9.79 0.84 5.81
CA ASP A 76 -11.23 0.98 5.61
C ASP A 76 -11.63 0.44 4.25
N TRP A 77 -12.92 0.16 4.08
CA TRP A 77 -13.42 -0.38 2.82
C TRP A 77 -14.84 0.07 2.52
N ALA A 78 -15.16 0.14 1.23
CA ALA A 78 -16.48 0.55 0.79
C ALA A 78 -16.90 -0.21 -0.47
N PHE A 79 -18.21 -0.47 -0.58
CA PHE A 79 -18.73 -1.19 -1.73
C PHE A 79 -19.20 -0.19 -2.79
N GLU A 80 -18.45 -0.09 -3.87
CA GLU A 80 -18.80 0.82 -4.96
C GLU A 80 -18.58 0.18 -6.33
N ASN A 81 -19.35 0.61 -7.31
CA ASN A 81 -19.26 0.07 -8.66
C ASN A 81 -19.34 -1.45 -8.65
N GLY A 82 -20.04 -2.00 -7.65
CA GLY A 82 -20.18 -3.43 -7.55
C GLY A 82 -18.85 -4.13 -7.32
N ASN A 83 -17.91 -3.42 -6.69
CA ASN A 83 -16.59 -3.99 -6.42
C ASN A 83 -16.12 -3.61 -5.02
N TRP A 84 -15.54 -4.58 -4.32
CA TRP A 84 -15.04 -4.36 -2.97
C TRP A 84 -13.83 -3.44 -2.98
N CYS A 85 -14.06 -2.15 -2.72
CA CYS A 85 -12.99 -1.17 -2.70
C CYS A 85 -12.41 -0.97 -1.32
N GLY A 86 -11.18 -0.49 -1.30
CA GLY A 86 -10.52 -0.13 -0.06
C GLY A 86 -10.45 1.38 -0.01
N ILE A 87 -11.12 2.00 0.96
CA ILE A 87 -11.18 3.45 1.04
C ILE A 87 -9.80 4.10 0.91
N LYS A 88 -9.70 5.03 -0.04
CA LYS A 88 -8.45 5.75 -0.31
C LYS A 88 -7.71 6.11 0.98
N ASN A 89 -6.39 6.21 0.88
CA ASN A 89 -5.57 6.57 2.03
C ASN A 89 -5.82 8.02 2.43
N SER A 90 -6.50 8.76 1.56
CA SER A 90 -6.82 10.16 1.82
C SER A 90 -8.14 10.28 2.56
N CYS A 91 -9.00 9.29 2.37
CA CYS A 91 -10.31 9.26 3.01
C CYS A 91 -10.23 8.56 4.35
N LYS A 92 -9.41 9.08 5.25
CA LYS A 92 -9.25 8.50 6.58
C LYS A 92 -9.60 9.52 7.65
N GLN A 93 -9.01 10.70 7.54
CA GLN A 93 -9.26 11.76 8.50
C GLN A 93 -8.86 13.13 7.93
N GLN A 94 -7.59 13.46 8.05
CA GLN A 94 -7.08 14.74 7.54
C GLN A 94 -5.67 14.57 6.99
N PRO A 95 -5.21 15.51 6.14
CA PRO A 95 -3.88 15.46 5.53
C PRO A 95 -2.79 15.27 6.59
N GLN A 96 -2.48 14.01 6.88
CA GLN A 96 -1.45 13.70 7.87
C GLN A 96 -0.08 14.15 7.40
N ASN A 97 0.37 15.28 7.94
CA ASN A 97 1.68 15.83 7.57
C ASN A 97 1.98 17.09 8.38
N ASN A 98 3.08 17.06 9.12
CA ASN A 98 3.48 18.20 9.94
C ASN A 98 3.94 19.36 9.07
N ASN A 99 3.36 20.53 9.30
CA ASN A 99 3.71 21.72 8.53
C ASN A 99 5.18 22.07 8.72
N GLN A 100 5.72 22.86 7.78
CA GLN A 100 7.12 23.26 7.83
C GLN A 100 7.40 24.09 9.09
#